data_4QC3
#
_entry.id   4QC3
#
_cell.length_a   61.670
_cell.length_b   32.402
_cell.length_c   62.033
_cell.angle_alpha   90.00
_cell.angle_beta   109.82
_cell.angle_gamma   90.00
#
_symmetry.space_group_name_H-M   'P 1 21 1'
#
loop_
_entity.id
_entity.type
_entity.pdbx_description
1 polymer 'Bromodomain adjacent to zinc finger domain protein 2B'
2 polymer 'diacetylated histone 4 peptide (H4K8acK12ac)'
3 non-polymer 1,2-ETHANEDIOL
4 water water
#
loop_
_entity_poly.entity_id
_entity_poly.type
_entity_poly.pdbx_seq_one_letter_code
_entity_poly.pdbx_strand_id
1 'polypeptide(L)'
;SMDSKDLALCSMILTEMETHEDAWPFLLPVNLKLVPGYKKVIKKPMDFSTIREKLSSGQYPNLETFALDVRLVFDNCETF
NEDDSDIGRAGHNMRKYFEKKWTDTFK
;
A,B
2 'polypeptide(L)' G(ALY)GLG(ALY)G C
#
# COMPACT_ATOMS: atom_id res chain seq x y z
N SER A 1 -28.44 -7.90 -16.05
CA SER A 1 -28.51 -7.29 -14.70
C SER A 1 -29.19 -8.21 -13.69
N MET A 2 -29.15 -7.82 -12.42
CA MET A 2 -29.75 -8.61 -11.37
C MET A 2 -31.26 -8.51 -11.42
N ASP A 3 -31.91 -9.64 -11.17
CA ASP A 3 -33.37 -9.65 -11.08
C ASP A 3 -33.79 -9.14 -9.71
N SER A 4 -35.09 -9.06 -9.51
CA SER A 4 -35.64 -8.44 -8.31
C SER A 4 -35.20 -9.14 -7.03
N LYS A 5 -35.15 -10.48 -7.06
CA LYS A 5 -34.78 -11.28 -5.89
C LYS A 5 -33.35 -10.99 -5.50
N ASP A 6 -32.44 -11.00 -6.48
CA ASP A 6 -31.03 -10.75 -6.23
C ASP A 6 -30.79 -9.32 -5.71
N LEU A 7 -31.45 -8.36 -6.33
CA LEU A 7 -31.38 -6.98 -5.83
C LEU A 7 -31.89 -6.90 -4.40
N ALA A 8 -33.01 -7.57 -4.11
CA ALA A 8 -33.58 -7.54 -2.74
C ALA A 8 -32.62 -8.17 -1.72
N LEU A 9 -31.97 -9.27 -2.10
CA LEU A 9 -31.04 -9.95 -1.21
C LEU A 9 -29.83 -9.06 -0.89
N CYS A 10 -29.28 -8.40 -1.92
CA CYS A 10 -28.16 -7.48 -1.72
C CYS A 10 -28.56 -6.34 -0.80
N SER A 11 -29.75 -5.78 -1.04
CA SER A 11 -30.24 -4.69 -0.23
C SER A 11 -30.45 -5.10 1.23
N MET A 12 -30.97 -6.31 1.43
N MET A 12 -30.98 -6.31 1.40
CA MET A 12 -31.21 -6.84 2.77
CA MET A 12 -31.22 -6.90 2.72
C MET A 12 -29.91 -7.00 3.54
C MET A 12 -29.93 -7.02 3.52
N ILE A 13 -28.91 -7.61 2.91
CA ILE A 13 -27.61 -7.82 3.56
C ILE A 13 -26.94 -6.47 3.82
N LEU A 14 -27.03 -5.54 2.88
CA LEU A 14 -26.43 -4.23 3.08
C LEU A 14 -27.08 -3.51 4.25
N THR A 15 -28.39 -3.65 4.42
CA THR A 15 -29.08 -3.00 5.51
C THR A 15 -28.66 -3.60 6.86
N GLU A 16 -28.48 -4.92 6.89
CA GLU A 16 -28.02 -5.59 8.11
C GLU A 16 -26.62 -5.11 8.48
N MET A 17 -25.81 -4.81 7.48
CA MET A 17 -24.46 -4.30 7.76
C MET A 17 -24.49 -2.86 8.22
N GLU A 18 -25.27 -2.03 7.54
CA GLU A 18 -25.44 -0.63 7.92
C GLU A 18 -25.94 -0.45 9.36
N THR A 19 -26.72 -1.40 9.87
CA THR A 19 -27.27 -1.29 11.24
C THR A 19 -26.45 -2.02 12.32
N HIS A 20 -25.34 -2.63 11.93
CA HIS A 20 -24.49 -3.34 12.89
C HIS A 20 -23.73 -2.35 13.78
N GLU A 21 -23.52 -2.70 15.05
CA GLU A 21 -22.81 -1.79 15.96
C GLU A 21 -21.39 -1.44 15.54
N ASP A 22 -20.76 -2.30 14.75
CA ASP A 22 -19.39 -2.12 14.29
C ASP A 22 -19.31 -1.49 12.90
N ALA A 23 -20.43 -1.03 12.37
CA ALA A 23 -20.45 -0.39 11.04
C ALA A 23 -19.98 1.06 11.03
N TRP A 24 -19.86 1.68 12.19
CA TRP A 24 -19.62 3.12 12.27
C TRP A 24 -18.47 3.67 11.41
N PRO A 25 -17.35 2.92 11.23
CA PRO A 25 -16.29 3.53 10.43
C PRO A 25 -16.58 3.48 8.92
N PHE A 26 -17.59 2.71 8.52
CA PHE A 26 -17.77 2.32 7.11
C PHE A 26 -19.05 2.88 6.47
N LEU A 27 -19.77 3.74 7.18
CA LEU A 27 -21.09 4.20 6.69
C LEU A 27 -20.96 5.21 5.57
N LEU A 28 -19.92 6.05 5.62
CA LEU A 28 -19.69 7.10 4.64
C LEU A 28 -18.29 7.03 4.07
N PRO A 29 -18.07 7.64 2.91
CA PRO A 29 -16.73 7.63 2.34
C PRO A 29 -15.71 8.27 3.29
N VAL A 30 -14.49 7.74 3.32
CA VAL A 30 -13.40 8.41 4.02
C VAL A 30 -13.20 9.76 3.36
N ASN A 31 -13.09 10.81 4.18
CA ASN A 31 -12.84 12.14 3.62
C ASN A 31 -11.37 12.26 3.26
N LEU A 32 -11.06 12.23 1.98
CA LEU A 32 -9.67 12.15 1.54
C LEU A 32 -8.88 13.41 1.83
N LYS A 33 -9.58 14.53 2.01
CA LYS A 33 -8.90 15.75 2.41
C LYS A 33 -8.52 15.75 3.88
N LEU A 34 -9.30 15.07 4.72
CA LEU A 34 -9.09 15.14 6.17
C LEU A 34 -8.39 13.91 6.74
N VAL A 35 -8.09 12.92 5.89
CA VAL A 35 -7.42 11.70 6.38
C VAL A 35 -6.14 11.48 5.56
N PRO A 36 -5.07 12.13 5.96
CA PRO A 36 -3.83 12.03 5.18
C PRO A 36 -3.32 10.61 5.00
N GLY A 37 -2.77 10.37 3.81
CA GLY A 37 -2.25 9.07 3.42
C GLY A 37 -3.27 8.18 2.76
N TYR A 38 -4.56 8.42 2.98
CA TYR A 38 -5.59 7.45 2.55
C TYR A 38 -5.65 7.38 1.02
N LYS A 39 -5.79 8.53 0.40
CA LYS A 39 -5.84 8.57 -1.08
C LYS A 39 -4.57 7.96 -1.69
N LYS A 40 -3.43 8.19 -1.05
CA LYS A 40 -2.17 7.72 -1.61
C LYS A 40 -2.08 6.20 -1.67
N VAL A 41 -2.49 5.52 -0.60
CA VAL A 41 -2.29 4.06 -0.52
C VAL A 41 -3.50 3.22 -0.81
N ILE A 42 -4.71 3.78 -0.69
CA ILE A 42 -5.92 3.00 -0.93
C ILE A 42 -6.45 3.37 -2.31
N LYS A 43 -6.19 2.52 -3.28
CA LYS A 43 -6.46 2.88 -4.68
C LYS A 43 -7.93 2.90 -5.05
N LYS A 44 -8.73 2.09 -4.36
CA LYS A 44 -10.17 2.00 -4.63
C LYS A 44 -10.96 2.11 -3.30
N PRO A 45 -11.11 3.35 -2.80
CA PRO A 45 -11.96 3.54 -1.62
C PRO A 45 -13.39 3.04 -1.82
N MET A 46 -13.98 2.49 -0.76
CA MET A 46 -15.36 2.00 -0.82
C MET A 46 -15.98 2.04 0.56
N ASP A 47 -17.29 2.29 0.63
CA ASP A 47 -18.00 2.37 1.89
C ASP A 47 -19.44 1.98 1.63
N PHE A 48 -20.20 1.79 2.70
CA PHE A 48 -21.55 1.26 2.56
C PHE A 48 -22.50 2.19 1.82
N SER A 49 -22.37 3.51 2.02
CA SER A 49 -23.26 4.44 1.31
C SER A 49 -22.99 4.39 -0.17
N THR A 50 -21.72 4.23 -0.54
CA THR A 50 -21.39 4.18 -1.95
C THR A 50 -21.91 2.87 -2.55
N ILE A 51 -21.77 1.79 -1.81
CA ILE A 51 -22.31 0.52 -2.27
C ILE A 51 -23.82 0.62 -2.47
N ARG A 52 -24.51 1.29 -1.55
CA ARG A 52 -25.96 1.49 -1.66
C ARG A 52 -26.29 2.25 -2.95
N GLU A 53 -25.54 3.31 -3.25
CA GLU A 53 -25.79 4.09 -4.45
C GLU A 53 -25.52 3.26 -5.69
N LYS A 54 -24.45 2.47 -5.67
CA LYS A 54 -24.16 1.59 -6.80
C LYS A 54 -25.25 0.55 -7.00
N LEU A 55 -25.76 -0.01 -5.91
CA LEU A 55 -26.78 -1.03 -5.99
C LEU A 55 -28.05 -0.45 -6.59
N SER A 56 -28.46 0.70 -6.05
CA SER A 56 -29.69 1.40 -6.46
C SER A 56 -29.63 1.88 -7.91
N SER A 57 -28.44 2.20 -8.41
CA SER A 57 -28.29 2.76 -9.75
C SER A 57 -27.93 1.68 -10.78
N GLY A 58 -27.99 0.41 -10.38
CA GLY A 58 -27.78 -0.71 -11.28
C GLY A 58 -26.35 -0.98 -11.69
N GLN A 59 -25.39 -0.63 -10.85
CA GLN A 59 -24.00 -0.78 -11.21
C GLN A 59 -23.42 -2.16 -10.94
N TYR A 60 -24.16 -3.02 -10.22
CA TYR A 60 -23.75 -4.39 -9.94
C TYR A 60 -24.52 -5.32 -10.87
N PRO A 61 -23.84 -5.92 -11.86
CA PRO A 61 -24.57 -6.83 -12.76
C PRO A 61 -24.96 -8.14 -12.14
N ASN A 62 -24.30 -8.54 -11.06
CA ASN A 62 -24.55 -9.82 -10.44
C ASN A 62 -24.13 -9.81 -8.98
N LEU A 63 -24.48 -10.88 -8.27
CA LEU A 63 -24.23 -10.99 -6.84
C LEU A 63 -22.75 -10.87 -6.52
N GLU A 64 -21.93 -11.48 -7.36
CA GLU A 64 -20.50 -11.54 -7.12
C GLU A 64 -19.87 -10.15 -7.11
N THR A 65 -20.31 -9.27 -8.00
CA THR A 65 -19.75 -7.93 -8.06
C THR A 65 -20.12 -7.11 -6.80
N PHE A 66 -21.33 -7.32 -6.30
CA PHE A 66 -21.72 -6.74 -5.02
C PHE A 66 -20.83 -7.23 -3.88
N ALA A 67 -20.69 -8.54 -3.75
CA ALA A 67 -19.85 -9.09 -2.68
C ALA A 67 -18.41 -8.61 -2.77
N LEU A 68 -17.90 -8.44 -3.99
CA LEU A 68 -16.53 -7.92 -4.16
C LEU A 68 -16.37 -6.53 -3.54
N ASP A 69 -17.34 -5.66 -3.75
CA ASP A 69 -17.27 -4.31 -3.19
C ASP A 69 -17.41 -4.31 -1.67
N VAL A 70 -18.26 -5.18 -1.14
CA VAL A 70 -18.37 -5.28 0.32
C VAL A 70 -17.02 -5.70 0.89
N ARG A 71 -16.43 -6.73 0.29
CA ARG A 71 -15.13 -7.20 0.75
C ARG A 71 -14.04 -6.16 0.60
N LEU A 72 -14.15 -5.32 -0.44
CA LEU A 72 -13.21 -4.24 -0.62
C LEU A 72 -13.19 -3.27 0.55
N VAL A 73 -14.37 -3.00 1.12
CA VAL A 73 -14.42 -2.17 2.32
C VAL A 73 -13.48 -2.72 3.38
N PHE A 74 -13.55 -4.03 3.59
CA PHE A 74 -12.78 -4.64 4.68
C PHE A 74 -11.32 -4.80 4.31
N ASP A 75 -11.03 -5.04 3.04
CA ASP A 75 -9.66 -5.13 2.58
C ASP A 75 -8.94 -3.78 2.76
N ASN A 76 -9.65 -2.70 2.40
CA ASN A 76 -9.09 -1.36 2.58
C ASN A 76 -8.81 -1.10 4.05
N CYS A 77 -9.75 -1.49 4.89
CA CYS A 77 -9.63 -1.26 6.34
C CYS A 77 -8.42 -1.99 6.92
N GLU A 78 -8.19 -3.21 6.46
CA GLU A 78 -7.04 -4.02 6.89
C GLU A 78 -5.71 -3.38 6.54
N THR A 79 -5.65 -2.71 5.40
CA THR A 79 -4.43 -2.06 4.98
C THR A 79 -4.19 -0.81 5.78
N PHE A 80 -5.22 0.02 5.91
CA PHE A 80 -4.99 1.36 6.44
C PHE A 80 -4.90 1.41 7.97
N ASN A 81 -5.55 0.48 8.65
CA ASN A 81 -5.64 0.52 10.12
C ASN A 81 -4.96 -0.66 10.77
N GLU A 82 -4.38 -0.44 11.95
CA GLU A 82 -3.76 -1.53 12.69
C GLU A 82 -4.83 -2.56 13.06
N ASP A 83 -4.49 -3.84 13.02
CA ASP A 83 -5.45 -4.88 13.33
C ASP A 83 -6.04 -4.71 14.72
N ASP A 84 -5.25 -4.20 15.66
CA ASP A 84 -5.72 -4.05 17.02
C ASP A 84 -6.37 -2.68 17.31
N SER A 85 -6.43 -1.79 16.32
CA SER A 85 -7.12 -0.50 16.49
C SER A 85 -8.65 -0.72 16.57
N ASP A 86 -9.37 0.28 17.08
CA ASP A 86 -10.83 0.14 17.15
C ASP A 86 -11.41 -0.07 15.76
N ILE A 87 -10.91 0.67 14.79
CA ILE A 87 -11.42 0.51 13.41
C ILE A 87 -10.98 -0.81 12.81
N GLY A 88 -9.72 -1.19 13.07
CA GLY A 88 -9.22 -2.46 12.58
C GLY A 88 -10.07 -3.61 13.07
N ARG A 89 -10.39 -3.59 14.36
CA ARG A 89 -11.21 -4.66 14.94
C ARG A 89 -12.65 -4.61 14.47
N ALA A 90 -13.18 -3.41 14.27
CA ALA A 90 -14.51 -3.25 13.68
C ALA A 90 -14.55 -3.87 12.29
N GLY A 91 -13.52 -3.62 11.49
CA GLY A 91 -13.45 -4.22 10.15
C GLY A 91 -13.40 -5.74 10.15
N HIS A 92 -12.59 -6.32 11.02
CA HIS A 92 -12.52 -7.77 11.10
C HIS A 92 -13.86 -8.35 11.55
N ASN A 93 -14.51 -7.69 12.51
CA ASN A 93 -15.80 -8.17 13.02
C ASN A 93 -16.87 -8.09 11.92
N MET A 94 -16.84 -7.00 11.15
CA MET A 94 -17.82 -6.80 10.07
C MET A 94 -17.63 -7.81 8.95
N ARG A 95 -16.38 -8.09 8.60
CA ARG A 95 -16.09 -9.12 7.61
C ARG A 95 -16.65 -10.47 8.05
N LYS A 96 -16.44 -10.83 9.31
CA LYS A 96 -16.95 -12.10 9.84
C LYS A 96 -18.47 -12.14 9.72
N TYR A 97 -19.10 -11.05 10.13
CA TYR A 97 -20.57 -10.95 10.08
C TYR A 97 -21.08 -11.08 8.65
N PHE A 98 -20.43 -10.39 7.71
CA PHE A 98 -20.84 -10.45 6.32
C PHE A 98 -20.71 -11.87 5.75
N GLU A 99 -19.58 -12.51 6.02
CA GLU A 99 -19.32 -13.81 5.42
C GLU A 99 -20.33 -14.84 5.95
N LYS A 100 -20.70 -14.72 7.22
CA LYS A 100 -21.69 -15.62 7.81
C LYS A 100 -23.06 -15.38 7.18
N LYS A 101 -23.45 -14.10 7.09
CA LYS A 101 -24.72 -13.70 6.46
C LYS A 101 -24.80 -14.13 5.02
N TRP A 102 -23.72 -13.92 4.27
CA TRP A 102 -23.64 -14.34 2.87
C TRP A 102 -23.77 -15.85 2.73
N THR A 103 -23.05 -16.61 3.56
CA THR A 103 -23.13 -18.08 3.55
C THR A 103 -24.50 -18.58 3.98
N ASP A 104 -25.11 -17.95 4.99
CA ASP A 104 -26.45 -18.36 5.45
C ASP A 104 -27.55 -18.06 4.42
N THR A 105 -27.30 -17.11 3.53
CA THR A 105 -28.30 -16.69 2.54
C THR A 105 -28.28 -17.56 1.30
N PHE A 106 -27.09 -17.96 0.88
CA PHE A 106 -26.91 -18.61 -0.41
C PHE A 106 -26.57 -20.09 -0.33
N LYS A 107 -26.54 -20.63 0.89
CA LYS A 107 -26.32 -22.06 1.10
C LYS A 107 -27.57 -22.86 0.73
N SER B 1 29.20 -13.10 -11.04
CA SER B 1 30.24 -12.30 -10.34
C SER B 1 30.66 -11.08 -11.15
N MET B 2 30.59 -9.92 -10.49
CA MET B 2 31.09 -8.70 -11.08
C MET B 2 32.58 -8.74 -11.04
N ASP B 3 33.21 -8.19 -12.07
CA ASP B 3 34.65 -8.01 -12.00
C ASP B 3 34.95 -6.82 -11.09
N SER B 4 36.20 -6.69 -10.70
CA SER B 4 36.60 -5.74 -9.68
C SER B 4 36.33 -4.29 -10.07
N LYS B 5 36.39 -4.00 -11.37
CA LYS B 5 36.09 -2.64 -11.89
C LYS B 5 34.65 -2.26 -11.58
N ASP B 6 33.74 -3.18 -11.89
CA ASP B 6 32.30 -2.93 -11.69
C ASP B 6 32.01 -2.83 -10.21
N LEU B 7 32.59 -3.73 -9.41
CA LEU B 7 32.38 -3.69 -7.98
C LEU B 7 32.82 -2.35 -7.40
N ALA B 8 33.99 -1.87 -7.81
CA ALA B 8 34.49 -0.58 -7.33
C ALA B 8 33.56 0.57 -7.70
N LEU B 9 33.00 0.52 -8.91
CA LEU B 9 32.13 1.59 -9.35
C LEU B 9 30.77 1.55 -8.65
N CYS B 10 30.23 0.36 -8.42
CA CYS B 10 29.02 0.23 -7.61
C CYS B 10 29.24 0.77 -6.22
N SER B 11 30.38 0.45 -5.63
CA SER B 11 30.69 0.97 -4.30
C SER B 11 30.81 2.50 -4.32
N MET B 12 31.43 3.04 -5.38
N MET B 12 31.42 3.04 -5.36
CA MET B 12 31.58 4.48 -5.56
CA MET B 12 31.56 4.48 -5.49
C MET B 12 30.21 5.18 -5.63
C MET B 12 30.19 5.18 -5.60
N ILE B 13 29.31 4.63 -6.42
CA ILE B 13 27.98 5.21 -6.60
C ILE B 13 27.21 5.11 -5.30
N LEU B 14 27.32 3.98 -4.60
CA LEU B 14 26.63 3.82 -3.32
C LEU B 14 27.14 4.80 -2.28
N THR B 15 28.46 5.05 -2.28
CA THR B 15 29.03 6.02 -1.34
C THR B 15 28.48 7.43 -1.64
N GLU B 16 28.39 7.78 -2.92
CA GLU B 16 27.83 9.08 -3.30
C GLU B 16 26.38 9.19 -2.83
N MET B 17 25.62 8.09 -2.93
CA MET B 17 24.25 8.12 -2.45
C MET B 17 24.17 8.18 -0.93
N GLU B 18 25.03 7.43 -0.24
CA GLU B 18 25.02 7.41 1.22
C GLU B 18 25.31 8.81 1.80
N THR B 19 26.09 9.60 1.06
CA THR B 19 26.54 10.92 1.50
C THR B 19 25.72 12.09 0.91
N HIS B 20 24.69 11.76 0.13
CA HIS B 20 23.89 12.73 -0.56
C HIS B 20 22.96 13.44 0.41
N GLU B 21 22.72 14.73 0.18
CA GLU B 21 21.83 15.50 1.04
C GLU B 21 20.42 14.96 1.15
N ASP B 22 19.92 14.30 0.10
CA ASP B 22 18.56 13.72 0.10
C ASP B 22 18.51 12.26 0.51
N ALA B 23 19.59 11.73 1.07
CA ALA B 23 19.62 10.28 1.42
C ALA B 23 19.01 9.92 2.77
N TRP B 24 18.70 10.93 3.56
CA TRP B 24 18.31 10.74 4.96
C TRP B 24 17.19 9.71 5.20
N PRO B 25 16.20 9.60 4.30
CA PRO B 25 15.17 8.59 4.60
C PRO B 25 15.60 7.16 4.33
N PHE B 26 16.72 6.97 3.64
CA PHE B 26 17.08 5.69 3.02
C PHE B 26 18.31 5.02 3.60
N LEU B 27 18.89 5.60 4.65
CA LEU B 27 20.16 5.09 5.16
C LEU B 27 20.04 3.78 5.90
N LEU B 28 18.93 3.59 6.61
CA LEU B 28 18.68 2.42 7.41
C LEU B 28 17.30 1.85 7.13
N PRO B 29 17.08 0.57 7.47
CA PRO B 29 15.73 0.04 7.27
C PRO B 29 14.65 0.78 8.05
N VAL B 30 13.48 0.89 7.43
CA VAL B 30 12.33 1.43 8.12
C VAL B 30 11.97 0.54 9.31
N ASN B 31 11.78 1.16 10.46
CA ASN B 31 11.31 0.44 11.65
C ASN B 31 9.80 0.20 11.53
N LEU B 32 9.42 -1.07 11.48
CA LEU B 32 8.07 -1.48 11.16
C LEU B 32 7.07 -1.19 12.28
N LYS B 33 7.53 -1.18 13.53
CA LYS B 33 6.69 -0.72 14.65
C LYS B 33 6.46 0.80 14.64
N LEU B 34 7.49 1.55 14.23
CA LEU B 34 7.44 2.99 14.18
C LEU B 34 6.55 3.49 13.05
N VAL B 35 6.46 2.73 11.97
CA VAL B 35 5.72 3.17 10.77
C VAL B 35 4.62 2.17 10.48
N PRO B 36 3.45 2.34 11.12
CA PRO B 36 2.37 1.39 10.94
C PRO B 36 1.92 1.36 9.50
N GLY B 37 1.69 0.17 8.98
CA GLY B 37 1.18 0.00 7.64
C GLY B 37 2.28 -0.19 6.62
N TYR B 38 3.53 0.05 7.00
CA TYR B 38 4.61 0.02 6.04
C TYR B 38 4.72 -1.36 5.42
N LYS B 39 4.79 -2.36 6.29
CA LYS B 39 5.00 -3.73 5.85
C LYS B 39 3.80 -4.24 5.03
N LYS B 40 2.62 -3.68 5.25
CA LYS B 40 1.45 -4.04 4.47
C LYS B 40 1.52 -3.53 3.05
N VAL B 41 1.97 -2.30 2.89
CA VAL B 41 2.02 -1.65 1.59
C VAL B 41 3.28 -2.02 0.80
N ILE B 42 4.39 -2.13 1.51
CA ILE B 42 5.70 -2.33 0.89
C ILE B 42 6.10 -3.77 1.15
N LYS B 43 5.98 -4.59 0.11
CA LYS B 43 6.23 -6.02 0.22
C LYS B 43 7.71 -6.36 0.35
N LYS B 44 8.57 -5.54 -0.26
CA LYS B 44 9.99 -5.82 -0.30
C LYS B 44 10.78 -4.58 0.09
N PRO B 45 10.90 -4.32 1.41
CA PRO B 45 11.68 -3.18 1.87
C PRO B 45 13.12 -3.23 1.43
N MET B 46 13.73 -2.06 1.22
CA MET B 46 15.15 -1.99 0.86
C MET B 46 15.69 -0.64 1.27
N ASP B 47 16.97 -0.58 1.64
CA ASP B 47 17.60 0.66 2.09
C ASP B 47 19.08 0.56 1.77
N PHE B 48 19.81 1.68 1.86
CA PHE B 48 21.19 1.68 1.44
C PHE B 48 22.12 0.88 2.33
N SER B 49 21.83 0.75 3.62
CA SER B 49 22.66 -0.09 4.48
C SER B 49 22.58 -1.56 4.10
N THR B 50 21.38 -2.00 3.72
CA THR B 50 21.18 -3.37 3.27
C THR B 50 21.90 -3.59 1.94
N ILE B 51 21.80 -2.62 1.03
CA ILE B 51 22.50 -2.71 -0.25
C ILE B 51 24.01 -2.77 -0.01
N ARG B 52 24.51 -1.93 0.90
CA ARG B 52 25.95 -1.92 1.18
C ARG B 52 26.39 -3.30 1.69
N GLU B 53 25.64 -3.88 2.60
CA GLU B 53 26.00 -5.21 3.12
C GLU B 53 25.97 -6.27 2.03
N LYS B 54 24.95 -6.23 1.20
CA LYS B 54 24.88 -7.16 0.06
C LYS B 54 26.05 -6.99 -0.90
N LEU B 55 26.41 -5.75 -1.19
CA LEU B 55 27.52 -5.49 -2.10
C LEU B 55 28.84 -5.98 -1.50
N SER B 56 29.08 -5.61 -0.25
CA SER B 56 30.33 -6.01 0.44
C SER B 56 30.48 -7.51 0.57
N SER B 57 29.35 -8.22 0.66
CA SER B 57 29.37 -9.66 0.89
C SER B 57 29.21 -10.48 -0.39
N GLY B 58 29.36 -9.83 -1.54
CA GLY B 58 29.38 -10.51 -2.81
C GLY B 58 28.05 -11.03 -3.29
N GLN B 59 26.94 -10.43 -2.83
CA GLN B 59 25.60 -10.90 -3.19
C GLN B 59 25.00 -10.41 -4.49
N TYR B 60 25.67 -9.47 -5.15
CA TYR B 60 25.21 -8.98 -6.46
C TYR B 60 26.09 -9.59 -7.54
N PRO B 61 25.54 -10.56 -8.31
CA PRO B 61 26.39 -11.20 -9.32
C PRO B 61 26.68 -10.34 -10.54
N ASN B 62 25.88 -9.28 -10.74
CA ASN B 62 26.12 -8.38 -11.86
C ASN B 62 25.52 -7.00 -11.61
N LEU B 63 25.87 -6.05 -12.48
CA LEU B 63 25.42 -4.65 -12.29
C LEU B 63 23.89 -4.53 -12.25
N GLU B 64 23.21 -5.37 -13.03
CA GLU B 64 21.76 -5.31 -13.10
C GLU B 64 21.14 -5.61 -11.75
N THR B 65 21.66 -6.59 -11.05
CA THR B 65 21.08 -6.93 -9.76
C THR B 65 21.27 -5.82 -8.72
N PHE B 66 22.41 -5.13 -8.75
CA PHE B 66 22.64 -3.98 -7.90
C PHE B 66 21.63 -2.88 -8.21
N ALA B 67 21.50 -2.55 -9.49
CA ALA B 67 20.56 -1.49 -9.88
C ALA B 67 19.12 -1.83 -9.49
N LEU B 68 18.74 -3.10 -9.57
CA LEU B 68 17.38 -3.48 -9.16
C LEU B 68 17.12 -3.09 -7.71
N ASP B 69 18.06 -3.38 -6.81
CA ASP B 69 17.84 -3.03 -5.40
C ASP B 69 17.86 -1.52 -5.19
N VAL B 70 18.73 -0.80 -5.88
CA VAL B 70 18.74 0.66 -5.73
C VAL B 70 17.41 1.22 -6.18
N ARG B 71 16.94 0.76 -7.33
CA ARG B 71 15.69 1.28 -7.87
C ARG B 71 14.49 0.95 -7.00
N LEU B 72 14.53 -0.22 -6.35
CA LEU B 72 13.51 -0.63 -5.39
C LEU B 72 13.36 0.36 -4.23
N VAL B 73 14.47 0.93 -3.77
CA VAL B 73 14.41 1.91 -2.70
C VAL B 73 13.48 3.05 -3.11
N PHE B 74 13.65 3.55 -4.34
CA PHE B 74 12.87 4.72 -4.76
C PHE B 74 11.46 4.37 -5.17
N ASP B 75 11.26 3.18 -5.74
CA ASP B 75 9.92 2.72 -6.06
C ASP B 75 9.09 2.52 -4.77
N ASN B 76 9.70 1.94 -3.72
CA ASN B 76 9.02 1.84 -2.42
C ASN B 76 8.65 3.22 -1.90
N CYS B 77 9.60 4.14 -1.98
CA CYS B 77 9.39 5.50 -1.49
C CYS B 77 8.16 6.15 -2.14
N GLU B 78 8.06 6.03 -3.45
CA GLU B 78 6.99 6.66 -4.21
C GLU B 78 5.64 5.96 -3.98
N THR B 79 5.66 4.69 -3.60
CA THR B 79 4.41 3.98 -3.32
C THR B 79 3.84 4.41 -1.96
N PHE B 80 4.72 4.63 -0.98
CA PHE B 80 4.26 4.88 0.38
C PHE B 80 4.05 6.36 0.70
N ASN B 81 4.80 7.24 0.05
CA ASN B 81 4.83 8.66 0.45
C ASN B 81 4.33 9.57 -0.65
N GLU B 82 3.59 10.61 -0.25
CA GLU B 82 3.09 11.59 -1.22
C GLU B 82 4.24 12.27 -1.95
N ASP B 83 4.05 12.56 -3.23
CA ASP B 83 5.07 13.22 -4.02
C ASP B 83 5.53 14.53 -3.39
N ASP B 84 4.60 15.30 -2.80
CA ASP B 84 4.97 16.61 -2.24
C ASP B 84 5.49 16.56 -0.79
N SER B 85 5.60 15.38 -0.21
CA SER B 85 6.11 15.24 1.16
C SER B 85 7.63 15.36 1.17
N ASP B 86 8.19 15.54 2.36
CA ASP B 86 9.65 15.67 2.48
C ASP B 86 10.33 14.37 2.00
N ILE B 87 9.80 13.24 2.44
CA ILE B 87 10.37 11.94 2.05
C ILE B 87 10.15 11.66 0.56
N GLY B 88 8.95 11.93 0.07
CA GLY B 88 8.65 11.75 -1.36
C GLY B 88 9.57 12.56 -2.25
N ARG B 89 9.78 13.82 -1.91
CA ARG B 89 10.69 14.65 -2.67
C ARG B 89 12.11 14.09 -2.63
N ALA B 90 12.53 13.62 -1.45
CA ALA B 90 13.87 13.08 -1.32
C ALA B 90 14.06 11.87 -2.20
N GLY B 91 13.09 10.97 -2.22
CA GLY B 91 13.17 9.79 -3.07
C GLY B 91 13.24 10.17 -4.53
N HIS B 92 12.42 11.10 -4.95
CA HIS B 92 12.48 11.52 -6.34
C HIS B 92 13.81 12.18 -6.70
N ASN B 93 14.36 12.98 -5.80
CA ASN B 93 15.68 13.60 -6.04
C ASN B 93 16.78 12.54 -6.10
N MET B 94 16.70 11.52 -5.23
CA MET B 94 17.70 10.48 -5.25
C MET B 94 17.62 9.63 -6.51
N ARG B 95 16.41 9.35 -6.97
CA ARG B 95 16.26 8.61 -8.24
C ARG B 95 16.92 9.42 -9.37
N LYS B 96 16.63 10.71 -9.42
CA LYS B 96 17.24 11.57 -10.44
C LYS B 96 18.76 11.57 -10.38
N TYR B 97 19.30 11.62 -9.16
CA TYR B 97 20.75 11.57 -9.00
C TYR B 97 21.28 10.24 -9.53
N PHE B 98 20.67 9.16 -9.08
CA PHE B 98 21.17 7.84 -9.42
C PHE B 98 21.11 7.57 -10.91
N GLU B 99 20.00 7.91 -11.57
CA GLU B 99 19.87 7.50 -12.97
C GLU B 99 20.87 8.26 -13.83
N LYS B 100 21.11 9.52 -13.51
CA LYS B 100 22.15 10.27 -14.23
C LYS B 100 23.53 9.69 -13.96
N LYS B 101 23.83 9.37 -12.69
CA LYS B 101 25.16 8.88 -12.33
C LYS B 101 25.42 7.51 -12.98
N TRP B 102 24.39 6.69 -13.01
CA TRP B 102 24.45 5.35 -13.58
C TRP B 102 24.70 5.44 -15.08
N THR B 103 23.95 6.32 -15.74
CA THR B 103 24.12 6.58 -17.19
C THR B 103 25.53 7.07 -17.48
N ASP B 104 25.98 8.06 -16.74
CA ASP B 104 27.28 8.66 -17.03
C ASP B 104 28.46 7.75 -16.70
N THR B 105 28.26 6.81 -15.80
CA THR B 105 29.32 5.89 -15.41
C THR B 105 29.43 4.67 -16.34
N PHE B 106 28.29 4.07 -16.66
CA PHE B 106 28.23 2.78 -17.34
C PHE B 106 27.80 2.92 -18.79
N LYS B 107 27.33 4.12 -19.14
CA LYS B 107 26.74 4.42 -20.44
C LYS B 107 25.68 3.40 -20.84
N GLY C 1 5.34 12.07 11.29
CA GLY C 1 4.07 11.86 10.54
C GLY C 1 3.95 10.49 9.89
N GLY C 3 3.47 6.95 8.26
CA GLY C 3 2.73 5.75 8.60
C GLY C 3 1.27 5.98 8.32
N LEU C 4 0.49 4.93 8.47
CA LEU C 4 -0.91 5.00 8.11
C LEU C 4 -1.71 5.18 9.39
N GLY C 5 -3.04 5.09 9.31
CA GLY C 5 -3.89 5.16 10.48
C GLY C 5 -4.63 6.46 10.62
N GLY C 7 -5.49 7.90 13.80
CA GLY C 7 -5.39 8.45 15.16
C GLY C 7 -5.36 9.95 15.15
#